data_3L3I
#
_entry.id   3L3I
#
_cell.length_a   50.782
_cell.length_b   82.329
_cell.length_c   110.337
_cell.angle_alpha   90.00
_cell.angle_beta   90.00
_cell.angle_gamma   90.00
#
_symmetry.space_group_name_H-M   'P 21 21 21'
#
loop_
_entity.id
_entity.type
_entity.pdbx_description
1 polymer 'HLA class I histocompatibility antigen, B-44 alpha chain'
2 polymer Beta-2-microglobulin
3 polymer 'peptide from HLA-DPA1 protein'
4 non-polymer GLYCEROL
5 water water
#
loop_
_entity_poly.entity_id
_entity_poly.type
_entity_poly.pdbx_seq_one_letter_code
_entity_poly.pdbx_strand_id
1 'polypeptide(L)'
;GSHSMRYFYTAMSRPGRGEPRFITVGYVDDTLFVRFDSDATSPRKEPRAPWIEQEGPEYWDRETQISKTNTQTYRENLRT
ALRYYNQSEAGSHIIQRMYGCDVGPDGRLLRGYDQDAYDGKDYIALNEDLSSWTAADTAAQITQRKWEAARVAEQDRAYL
EGLCVESLRRYLENGKETLQRADPPKTHVTHHPISDHEVTLRCWALGFYPAEITLTWQRDGEDQTQDTELVETRPAGDRT
FQKWAAVVVPSGEEQRYTCHVQHEGLPKPLTLRWEP
;
A
2 'polypeptide(L)'
;IQRTPKIQVYSRHPAENGKSNFLNCYVSGFHPSDIEVDLLKNGERIEKVEHSDLSFSKDWSFYLLYYTEFTPTEKDEYAC
RVNHVTLSQPKIVKWDRDM
;
B
3 'polypeptide(L)' EEFGRAASF C
#
# COMPACT_ATOMS: atom_id res chain seq x y z
N GLY A 1 3.06 -18.57 -8.84
CA GLY A 1 4.51 -18.45 -9.22
C GLY A 1 5.36 -17.99 -8.04
N SER A 2 5.90 -16.78 -8.14
N SER A 2 5.85 -16.76 -8.13
CA SER A 2 6.69 -16.21 -7.04
CA SER A 2 6.66 -16.20 -7.05
C SER A 2 5.82 -15.48 -6.01
C SER A 2 5.82 -15.43 -6.01
N HIS A 3 6.32 -15.35 -4.79
CA HIS A 3 5.55 -14.75 -3.70
C HIS A 3 6.42 -13.95 -2.77
N SER A 4 5.80 -13.03 -2.05
CA SER A 4 6.53 -12.19 -1.07
C SER A 4 5.82 -12.13 0.28
N MET A 5 6.59 -11.91 1.35
CA MET A 5 6.04 -11.59 2.68
C MET A 5 6.76 -10.32 3.11
N ARG A 6 6.02 -9.34 3.59
CA ARG A 6 6.63 -8.11 4.10
C ARG A 6 5.97 -7.64 5.36
N TYR A 7 6.78 -7.13 6.29
CA TYR A 7 6.23 -6.46 7.44
C TYR A 7 6.62 -5.02 7.32
N PHE A 8 5.71 -4.13 7.72
CA PHE A 8 5.91 -2.66 7.59
C PHE A 8 5.67 -2.02 8.95
N TYR A 9 6.67 -1.31 9.48
CA TYR A 9 6.55 -0.59 10.77
C TYR A 9 6.43 0.87 10.48
N THR A 10 5.53 1.57 11.19
CA THR A 10 5.52 3.06 11.25
C THR A 10 5.58 3.44 12.74
N ALA A 11 6.61 4.21 13.13
CA ALA A 11 6.79 4.72 14.50
C ALA A 11 6.79 6.23 14.37
N MET A 12 5.78 6.87 14.97
CA MET A 12 5.54 8.29 14.82
CA MET A 12 5.55 8.29 14.82
C MET A 12 5.55 9.00 16.18
N SER A 13 6.56 9.84 16.41
CA SER A 13 6.54 10.67 17.64
C SER A 13 5.49 11.81 17.57
N ARG A 14 5.04 12.28 18.75
CA ARG A 14 3.93 13.21 18.84
C ARG A 14 4.02 14.01 20.13
N PRO A 15 5.02 14.91 20.20
CA PRO A 15 5.31 15.67 21.42
C PRO A 15 4.02 16.30 21.95
N GLY A 16 3.74 16.08 23.22
CA GLY A 16 2.57 16.71 23.79
C GLY A 16 1.36 15.78 23.79
N ARG A 17 1.44 14.67 23.06
CA ARG A 17 0.29 13.80 22.91
C ARG A 17 0.65 12.38 23.19
N GLY A 18 1.46 12.19 24.21
CA GLY A 18 1.89 10.84 24.59
C GLY A 18 3.13 10.30 23.87
N GLU A 19 3.38 9.00 24.09
CA GLU A 19 4.57 8.32 23.57
C GLU A 19 4.34 8.01 22.09
N PRO A 20 5.43 7.85 21.32
CA PRO A 20 5.21 7.65 19.88
C PRO A 20 4.33 6.42 19.51
N ARG A 21 3.40 6.60 18.58
CA ARG A 21 2.56 5.48 18.13
C ARG A 21 3.39 4.52 17.28
N PHE A 22 3.22 3.21 17.50
CA PHE A 22 3.89 2.18 16.71
C PHE A 22 2.86 1.27 16.04
N ILE A 23 2.91 1.12 14.71
CA ILE A 23 1.93 0.31 13.96
C ILE A 23 2.74 -0.71 13.14
N THR A 24 2.30 -1.96 13.17
CA THR A 24 2.82 -2.99 12.26
C THR A 24 1.71 -3.60 11.40
N VAL A 25 1.94 -3.67 10.09
CA VAL A 25 1.07 -4.45 9.20
C VAL A 25 1.94 -5.51 8.49
N GLY A 26 1.37 -6.71 8.34
CA GLY A 26 2.04 -7.78 7.62
C GLY A 26 1.23 -8.16 6.38
N TYR A 27 1.92 -8.37 5.25
CA TYR A 27 1.32 -8.80 3.94
C TYR A 27 1.97 -10.07 3.41
N VAL A 28 1.18 -10.93 2.75
CA VAL A 28 1.72 -11.91 1.80
C VAL A 28 1.18 -11.41 0.46
N ASP A 29 2.09 -11.17 -0.49
CA ASP A 29 1.71 -10.54 -1.75
C ASP A 29 0.93 -9.26 -1.52
N ASP A 30 -0.28 -9.13 -2.08
CA ASP A 30 -1.13 -7.93 -1.83
C ASP A 30 -2.25 -8.16 -0.84
N THR A 31 -2.06 -9.12 0.06
CA THR A 31 -3.05 -9.51 1.05
C THR A 31 -2.59 -9.20 2.47
N LEU A 32 -3.26 -8.23 3.10
CA LEU A 32 -2.97 -7.95 4.52
C LEU A 32 -3.37 -9.15 5.39
N PHE A 33 -2.48 -9.60 6.30
CA PHE A 33 -2.88 -10.77 7.13
C PHE A 33 -2.75 -10.55 8.62
N VAL A 34 -1.99 -9.56 9.04
CA VAL A 34 -1.83 -9.31 10.47
C VAL A 34 -1.62 -7.78 10.72
N ARG A 35 -2.05 -7.30 11.90
CA ARG A 35 -1.79 -5.91 12.27
C ARG A 35 -1.49 -5.81 13.76
N PHE A 36 -0.84 -4.71 14.12
CA PHE A 36 -0.62 -4.35 15.54
C PHE A 36 -0.67 -2.81 15.61
N ASP A 37 -1.34 -2.26 16.64
CA ASP A 37 -1.35 -0.82 16.86
C ASP A 37 -1.19 -0.56 18.35
N SER A 38 -0.15 0.17 18.71
CA SER A 38 0.15 0.49 20.12
C SER A 38 -0.95 1.34 20.75
N ASP A 39 -1.79 1.97 19.95
CA ASP A 39 -2.89 2.80 20.45
C ASP A 39 -4.17 2.00 20.69
N ALA A 40 -4.14 0.69 20.44
CA ALA A 40 -5.34 -0.12 20.57
C ALA A 40 -5.68 -0.28 22.04
N THR A 41 -6.98 -0.39 22.29
CA THR A 41 -7.48 -0.62 23.64
C THR A 41 -6.67 -1.69 24.38
N SER A 42 -6.49 -2.87 23.77
CA SER A 42 -5.58 -3.86 24.34
C SER A 42 -4.62 -4.39 23.24
N PRO A 43 -3.46 -3.71 23.07
CA PRO A 43 -2.64 -3.98 21.88
C PRO A 43 -2.13 -5.44 21.77
N ARG A 44 -2.49 -6.10 20.67
CA ARG A 44 -2.07 -7.47 20.39
C ARG A 44 -1.92 -7.60 18.89
N LYS A 45 -1.11 -8.54 18.41
CA LYS A 45 -1.21 -8.92 17.00
C LYS A 45 -2.60 -9.49 16.75
N GLU A 46 -3.24 -9.02 15.70
CA GLU A 46 -4.61 -9.46 15.36
C GLU A 46 -4.60 -10.03 13.93
N PRO A 47 -5.35 -11.13 13.67
CA PRO A 47 -5.48 -11.71 12.31
C PRO A 47 -6.33 -10.80 11.41
N ARG A 48 -5.97 -10.74 10.14
CA ARG A 48 -6.71 -9.94 9.17
C ARG A 48 -7.01 -10.76 7.90
N ALA A 49 -6.67 -12.06 7.94
CA ALA A 49 -6.98 -13.00 6.84
C ALA A 49 -7.42 -14.33 7.46
N PRO A 50 -8.40 -15.03 6.83
CA PRO A 50 -8.93 -16.21 7.48
C PRO A 50 -7.89 -17.30 7.70
N TRP A 51 -6.94 -17.38 6.77
CA TRP A 51 -5.96 -18.46 6.81
C TRP A 51 -4.92 -18.36 7.96
N ILE A 52 -4.75 -17.17 8.58
CA ILE A 52 -3.79 -17.04 9.67
C ILE A 52 -4.49 -17.36 11.01
N GLU A 53 -5.82 -17.48 10.97
CA GLU A 53 -6.58 -17.72 12.21
C GLU A 53 -6.25 -19.05 12.86
N GLN A 54 -5.90 -20.03 12.07
CA GLN A 54 -5.55 -21.35 12.60
C GLN A 54 -4.20 -21.40 13.31
N GLU A 55 -3.45 -20.28 13.31
CA GLU A 55 -2.22 -20.30 14.07
C GLU A 55 -2.61 -20.35 15.55
N GLY A 56 -1.86 -21.14 16.30
CA GLY A 56 -2.18 -21.39 17.71
C GLY A 56 -1.99 -20.20 18.64
N PRO A 57 -2.44 -20.33 19.92
CA PRO A 57 -2.29 -19.22 20.85
C PRO A 57 -0.84 -18.84 21.13
N GLU A 58 0.07 -19.81 21.03
CA GLU A 58 1.50 -19.58 21.21
C GLU A 58 1.98 -18.57 20.16
N TYR A 59 1.62 -18.82 18.90
CA TYR A 59 1.89 -17.88 17.79
C TYR A 59 1.49 -16.45 18.16
N TRP A 60 0.24 -16.25 18.57
CA TRP A 60 -0.28 -14.93 18.85
C TRP A 60 0.42 -14.23 20.01
N ASP A 61 0.72 -14.97 21.07
CA ASP A 61 1.49 -14.44 22.20
C ASP A 61 2.91 -14.02 21.82
N ARG A 62 3.60 -14.87 21.07
CA ARG A 62 4.96 -14.61 20.63
C ARG A 62 5.00 -13.39 19.69
N GLU A 63 4.10 -13.39 18.71
CA GLU A 63 4.00 -12.28 17.73
C GLU A 63 3.66 -10.96 18.42
N THR A 64 2.75 -11.02 19.41
CA THR A 64 2.37 -9.87 20.23
C THR A 64 3.54 -9.35 21.04
N GLN A 65 4.33 -10.26 21.64
CA GLN A 65 5.51 -9.86 22.42
C GLN A 65 6.57 -9.18 21.53
N ILE A 66 6.73 -9.68 20.30
CA ILE A 66 7.69 -9.07 19.38
C ILE A 66 7.27 -7.62 19.18
N SER A 67 6.00 -7.41 18.90
CA SER A 67 5.48 -6.07 18.62
C SER A 67 5.59 -5.13 19.83
N LYS A 68 5.37 -5.65 21.04
CA LYS A 68 5.48 -4.81 22.24
C LYS A 68 6.93 -4.41 22.52
N THR A 69 7.86 -5.35 22.38
CA THR A 69 9.27 -5.06 22.44
C THR A 69 9.68 -4.03 21.37
N ASN A 70 9.18 -4.19 20.15
CA ASN A 70 9.54 -3.24 19.06
C ASN A 70 9.00 -1.85 19.29
N THR A 71 7.84 -1.77 19.93
CA THR A 71 7.26 -0.46 20.33
C THR A 71 8.31 0.32 21.15
N GLN A 72 8.90 -0.35 22.12
CA GLN A 72 9.99 0.23 22.93
C GLN A 72 11.25 0.54 22.12
N THR A 73 11.72 -0.40 21.29
CA THR A 73 12.95 -0.21 20.49
C THR A 73 12.84 0.99 19.54
N TYR A 74 11.71 1.06 18.85
CA TYR A 74 11.51 2.11 17.87
C TYR A 74 11.27 3.46 18.53
N ARG A 75 10.71 3.48 19.74
CA ARG A 75 10.71 4.70 20.57
C ARG A 75 12.14 5.16 20.89
N GLU A 76 12.97 4.22 21.36
CA GLU A 76 14.39 4.49 21.52
C GLU A 76 15.05 4.99 20.22
N ASN A 77 14.79 4.32 19.09
CA ASN A 77 15.32 4.76 17.81
C ASN A 77 14.92 6.20 17.50
N LEU A 78 13.67 6.60 17.78
CA LEU A 78 13.27 8.00 17.50
C LEU A 78 14.09 9.01 18.34
N ARG A 79 14.37 8.65 19.60
CA ARG A 79 15.20 9.51 20.47
C ARG A 79 16.64 9.63 19.92
N THR A 80 17.17 8.52 19.44
CA THR A 80 18.54 8.47 18.94
C THR A 80 18.64 9.28 17.66
N ALA A 81 17.64 9.13 16.79
CA ALA A 81 17.60 9.92 15.55
C ALA A 81 17.62 11.43 15.79
N LEU A 82 16.89 11.89 16.79
CA LEU A 82 17.01 13.31 17.20
C LEU A 82 18.44 13.77 17.46
N ARG A 83 19.20 12.97 18.22
CA ARG A 83 20.60 13.27 18.56
C ARG A 83 21.42 13.28 17.28
N TYR A 84 21.22 12.27 16.41
CA TYR A 84 22.06 12.11 15.21
C TYR A 84 21.86 13.24 14.20
N TYR A 85 20.67 13.87 14.20
CA TYR A 85 20.38 14.96 13.28
C TYR A 85 20.30 16.34 14.01
N ASN A 86 20.77 16.37 15.24
CA ASN A 86 20.80 17.61 16.03
C ASN A 86 19.42 18.28 16.07
N GLN A 87 18.35 17.49 16.21
CA GLN A 87 16.98 18.06 16.14
C GLN A 87 16.35 18.33 17.51
N SER A 88 15.38 19.25 17.57
CA SER A 88 14.69 19.51 18.85
C SER A 88 13.67 18.42 19.18
N GLU A 89 13.36 18.34 20.47
CA GLU A 89 12.31 17.48 20.99
C GLU A 89 10.89 18.00 20.74
N ALA A 90 10.73 19.14 20.05
CA ALA A 90 9.40 19.72 19.83
C ALA A 90 8.65 19.17 18.64
N GLY A 91 9.38 18.61 17.68
CA GLY A 91 8.77 18.24 16.42
C GLY A 91 8.37 16.76 16.37
N SER A 92 7.44 16.47 15.48
CA SER A 92 6.99 15.10 15.22
C SER A 92 7.86 14.52 14.11
N HIS A 93 8.27 13.28 14.30
CA HIS A 93 9.13 12.54 13.33
C HIS A 93 8.66 11.10 13.15
N ILE A 94 9.07 10.49 12.04
CA ILE A 94 8.63 9.14 11.72
C ILE A 94 9.82 8.25 11.32
N ILE A 95 9.91 7.06 11.90
CA ILE A 95 10.79 6.02 11.39
C ILE A 95 9.90 4.97 10.77
N GLN A 96 10.29 4.51 9.57
CA GLN A 96 9.60 3.37 8.92
C GLN A 96 10.56 2.24 8.69
N ARG A 97 10.04 1.01 8.74
CA ARG A 97 10.84 -0.15 8.36
C ARG A 97 10.03 -1.03 7.43
N MET A 98 10.66 -1.58 6.39
CA MET A 98 10.04 -2.66 5.61
CA MET A 98 10.04 -2.68 5.63
C MET A 98 11.06 -3.80 5.44
N TYR A 99 10.63 -5.04 5.70
CA TYR A 99 11.58 -6.18 5.67
C TYR A 99 10.80 -7.43 5.34
N GLY A 100 11.49 -8.44 4.85
CA GLY A 100 10.79 -9.69 4.44
C GLY A 100 11.57 -10.42 3.36
N CYS A 101 10.89 -11.38 2.73
CA CYS A 101 11.53 -12.25 1.75
C CYS A 101 10.64 -12.51 0.55
N ASP A 102 11.30 -12.79 -0.57
CA ASP A 102 10.61 -13.24 -1.78
C ASP A 102 11.06 -14.66 -2.00
N VAL A 103 10.12 -15.53 -2.38
CA VAL A 103 10.44 -16.90 -2.77
C VAL A 103 9.97 -17.24 -4.21
N GLY A 104 10.62 -18.23 -4.81
CA GLY A 104 10.24 -18.71 -6.13
C GLY A 104 9.11 -19.72 -6.09
N PRO A 105 8.70 -20.21 -7.28
CA PRO A 105 7.65 -21.25 -7.38
C PRO A 105 7.98 -22.52 -6.60
N ASP A 106 9.26 -22.86 -6.51
CA ASP A 106 9.75 -23.96 -5.69
C ASP A 106 9.84 -23.63 -4.18
N GLY A 107 9.54 -22.39 -3.83
CA GLY A 107 9.61 -21.96 -2.45
C GLY A 107 10.98 -21.60 -1.88
N ARG A 108 12.02 -21.60 -2.71
CA ARG A 108 13.36 -21.21 -2.28
C ARG A 108 13.51 -19.66 -2.22
N LEU A 109 14.37 -19.17 -1.33
CA LEU A 109 14.67 -17.73 -1.24
C LEU A 109 15.14 -17.12 -2.56
N LEU A 110 14.44 -16.10 -3.04
CA LEU A 110 14.87 -15.32 -4.21
C LEU A 110 15.69 -14.15 -3.73
N ARG A 111 15.18 -13.43 -2.72
CA ARG A 111 15.98 -12.40 -2.07
C ARG A 111 15.36 -11.92 -0.77
N GLY A 112 16.18 -11.35 0.11
CA GLY A 112 15.67 -10.82 1.37
C GLY A 112 15.81 -9.28 1.42
N TYR A 113 15.08 -8.67 2.34
CA TYR A 113 15.02 -7.21 2.47
C TYR A 113 14.95 -6.82 3.92
N ASP A 114 15.62 -5.73 4.28
CA ASP A 114 15.44 -5.08 5.58
C ASP A 114 15.91 -3.64 5.45
N GLN A 115 14.94 -2.72 5.33
CA GLN A 115 15.31 -1.30 5.08
C GLN A 115 14.63 -0.39 6.09
N ASP A 116 15.29 0.69 6.46
CA ASP A 116 14.64 1.73 7.29
C ASP A 116 14.69 3.10 6.66
N ALA A 117 13.70 3.95 7.02
CA ALA A 117 13.65 5.35 6.63
C ALA A 117 13.43 6.28 7.82
N TYR A 118 13.82 7.55 7.65
CA TYR A 118 13.61 8.55 8.68
C TYR A 118 13.00 9.73 7.98
N ASP A 119 11.82 10.15 8.47
CA ASP A 119 11.04 11.25 7.88
C ASP A 119 10.89 11.11 6.38
N GLY A 120 10.58 9.89 5.96
CA GLY A 120 10.35 9.55 4.55
C GLY A 120 11.56 9.43 3.61
N LYS A 121 12.77 9.51 4.15
CA LYS A 121 13.98 9.44 3.33
C LYS A 121 14.72 8.17 3.72
N ASP A 122 15.28 7.50 2.72
CA ASP A 122 16.12 6.33 3.05
C ASP A 122 17.11 6.64 4.15
N TYR A 123 17.27 5.67 5.06
CA TYR A 123 18.19 5.82 6.17
C TYR A 123 19.25 4.71 6.08
N ILE A 124 18.84 3.46 6.19
CA ILE A 124 19.82 2.36 6.08
C ILE A 124 19.14 1.16 5.43
N ALA A 125 19.92 0.34 4.71
CA ALA A 125 19.33 -0.84 4.09
C ALA A 125 20.29 -2.00 4.14
N LEU A 126 19.76 -3.18 4.45
CA LEU A 126 20.51 -4.42 4.18
C LEU A 126 20.72 -4.68 2.69
N ASN A 127 21.97 -4.92 2.31
CA ASN A 127 22.24 -5.16 0.90
C ASN A 127 21.76 -6.57 0.48
N GLU A 128 21.66 -6.79 -0.81
CA GLU A 128 21.16 -8.08 -1.35
C GLU A 128 22.00 -9.31 -0.92
N ASP A 129 23.29 -9.08 -0.65
CA ASP A 129 24.19 -10.12 -0.09
C ASP A 129 23.80 -10.60 1.33
N LEU A 130 22.89 -9.88 2.00
CA LEU A 130 22.49 -10.14 3.39
C LEU A 130 23.70 -10.20 4.32
N SER A 131 24.73 -9.44 3.94
CA SER A 131 25.99 -9.45 4.69
C SER A 131 26.51 -8.07 5.01
N SER A 132 26.00 -7.05 4.34
CA SER A 132 26.58 -5.72 4.45
C SER A 132 25.47 -4.68 4.32
N TRP A 133 25.77 -3.42 4.68
CA TRP A 133 24.75 -2.34 4.68
C TRP A 133 25.05 -1.18 3.75
N THR A 134 24.01 -0.48 3.31
CA THR A 134 24.12 0.83 2.67
C THR A 134 23.46 1.87 3.58
N ALA A 135 24.28 2.82 4.04
CA ALA A 135 23.82 3.99 4.84
C ALA A 135 23.64 5.22 3.96
N ALA A 136 22.54 5.96 4.18
CA ALA A 136 22.20 7.09 3.30
C ALA A 136 23.00 8.37 3.58
N ASP A 137 23.52 8.49 4.80
CA ASP A 137 24.13 9.73 5.26
C ASP A 137 25.01 9.46 6.44
N THR A 138 25.62 10.53 6.97
CA THR A 138 26.62 10.28 8.03
C THR A 138 25.97 9.86 9.36
N ALA A 139 24.68 10.19 9.56
CA ALA A 139 23.95 9.71 10.74
C ALA A 139 23.76 8.19 10.67
N ALA A 140 23.21 7.73 9.55
CA ALA A 140 23.04 6.27 9.33
C ALA A 140 24.36 5.50 9.38
N GLN A 141 25.47 6.15 9.03
CA GLN A 141 26.77 5.50 9.13
C GLN A 141 27.09 5.13 10.56
N ILE A 142 26.66 5.97 11.52
CA ILE A 142 26.84 5.64 12.94
C ILE A 142 26.12 4.32 13.28
N THR A 143 24.84 4.22 12.87
CA THR A 143 24.06 2.98 13.01
C THR A 143 24.79 1.80 12.33
N GLN A 144 25.27 2.00 11.11
CA GLN A 144 25.98 0.95 10.35
C GLN A 144 27.16 0.42 11.16
N ARG A 145 27.93 1.34 11.75
CA ARG A 145 29.07 0.88 12.57
C ARG A 145 28.63 0.04 13.74
N LYS A 146 27.57 0.47 14.45
CA LYS A 146 27.01 -0.34 15.54
C LYS A 146 26.56 -1.73 15.06
N TRP A 147 25.95 -1.77 13.88
CA TRP A 147 25.34 -3.01 13.40
C TRP A 147 26.40 -3.96 12.90
N GLU A 148 27.44 -3.39 12.30
CA GLU A 148 28.63 -4.15 11.91
C GLU A 148 29.28 -4.74 13.14
N ALA A 149 29.49 -3.91 14.19
CA ALA A 149 30.10 -4.42 15.45
C ALA A 149 29.33 -5.58 16.06
N ALA A 150 28.00 -5.49 16.01
CA ALA A 150 27.11 -6.46 16.63
C ALA A 150 26.70 -7.63 15.68
N ARG A 151 27.23 -7.64 14.47
CA ARG A 151 26.91 -8.71 13.47
C ARG A 151 25.38 -8.88 13.27
N VAL A 152 24.70 -7.75 13.11
CA VAL A 152 23.28 -7.74 12.88
C VAL A 152 22.95 -8.37 11.51
N ALA A 153 23.79 -8.16 10.49
CA ALA A 153 23.48 -8.75 9.17
C ALA A 153 23.38 -10.27 9.23
N GLU A 154 24.27 -10.89 10.03
CA GLU A 154 24.23 -12.34 10.17
C GLU A 154 22.92 -12.81 10.79
N GLN A 155 22.40 -12.02 11.74
CA GLN A 155 21.10 -12.28 12.37
C GLN A 155 19.92 -12.16 11.39
N ASP A 156 19.94 -11.09 10.59
N ASP A 156 19.93 -11.11 10.56
CA ASP A 156 19.01 -10.92 9.46
CA ASP A 156 18.95 -10.98 9.48
C ASP A 156 19.05 -12.09 8.51
C ASP A 156 19.04 -12.08 8.43
N ARG A 157 20.26 -12.47 8.06
CA ARG A 157 20.44 -13.53 7.12
C ARG A 157 19.84 -14.85 7.62
N ALA A 158 20.10 -15.20 8.85
CA ALA A 158 19.59 -16.47 9.42
C ALA A 158 18.05 -16.45 9.44
N TYR A 159 17.46 -15.31 9.80
CA TYR A 159 15.99 -15.12 9.71
C TYR A 159 15.49 -15.23 8.26
N LEU A 160 16.10 -14.49 7.33
CA LEU A 160 15.55 -14.42 5.97
C LEU A 160 15.66 -15.74 5.23
N GLU A 161 16.70 -16.53 5.53
CA GLU A 161 16.87 -17.85 4.90
C GLU A 161 16.10 -18.98 5.61
N GLY A 162 15.70 -18.74 6.86
CA GLY A 162 15.03 -19.74 7.73
C GLY A 162 13.55 -19.44 7.94
N LEU A 163 13.25 -18.86 9.09
CA LEU A 163 11.90 -18.54 9.52
C LEU A 163 11.07 -17.75 8.50
N CYS A 164 11.70 -16.80 7.79
CA CYS A 164 10.97 -15.97 6.79
C CYS A 164 10.40 -16.90 5.68
N VAL A 165 11.27 -17.72 5.05
CA VAL A 165 10.82 -18.59 3.98
C VAL A 165 9.94 -19.70 4.52
N GLU A 166 10.25 -20.20 5.71
CA GLU A 166 9.48 -21.35 6.25
C GLU A 166 8.01 -20.94 6.52
N SER A 167 7.87 -19.79 7.17
CA SER A 167 6.54 -19.30 7.56
C SER A 167 5.76 -18.92 6.31
N LEU A 168 6.41 -18.23 5.36
CA LEU A 168 5.72 -17.88 4.10
C LEU A 168 5.20 -19.14 3.35
N ARG A 169 6.04 -20.18 3.23
CA ARG A 169 5.61 -21.45 2.62
C ARG A 169 4.34 -21.97 3.31
N ARG A 170 4.30 -21.91 4.63
CA ARG A 170 3.11 -22.43 5.38
C ARG A 170 1.87 -21.56 5.13
N TYR A 171 2.05 -20.23 5.09
CA TYR A 171 0.92 -19.33 4.86
C TYR A 171 0.32 -19.58 3.46
N LEU A 172 1.22 -19.81 2.49
CA LEU A 172 0.83 -20.04 1.07
C LEU A 172 0.04 -21.35 0.95
N GLU A 173 0.44 -22.36 1.73
CA GLU A 173 -0.34 -23.65 1.78
C GLU A 173 -1.71 -23.51 2.48
N ASN A 174 -1.69 -22.92 3.66
CA ASN A 174 -2.92 -22.66 4.42
C ASN A 174 -3.91 -21.74 3.71
N GLY A 175 -3.36 -20.79 2.95
CA GLY A 175 -4.17 -19.83 2.18
C GLY A 175 -4.23 -20.12 0.70
N LYS A 176 -3.96 -21.36 0.29
CA LYS A 176 -3.80 -21.60 -1.15
C LYS A 176 -5.04 -21.23 -1.98
N GLU A 177 -6.22 -21.31 -1.40
CA GLU A 177 -7.46 -21.00 -2.15
C GLU A 177 -7.49 -19.54 -2.66
N THR A 178 -6.80 -18.65 -1.94
CA THR A 178 -6.78 -17.23 -2.24
C THR A 178 -5.40 -16.71 -2.61
N LEU A 179 -4.38 -17.05 -1.81
CA LEU A 179 -2.99 -16.55 -2.11
C LEU A 179 -2.42 -17.11 -3.42
N GLN A 180 -2.88 -18.29 -3.82
CA GLN A 180 -2.48 -18.94 -5.06
C GLN A 180 -3.54 -18.91 -6.17
N ARG A 181 -4.43 -17.91 -6.12
CA ARG A 181 -5.49 -17.70 -7.13
C ARG A 181 -5.34 -16.31 -7.70
N ALA A 182 -5.08 -16.21 -8.99
CA ALA A 182 -5.05 -14.92 -9.66
C ALA A 182 -6.45 -14.71 -10.21
N ASP A 183 -7.02 -13.53 -9.97
CA ASP A 183 -8.30 -13.14 -10.60
C ASP A 183 -7.98 -12.18 -11.75
N PRO A 184 -8.33 -12.56 -12.99
CA PRO A 184 -8.00 -11.66 -14.11
C PRO A 184 -8.87 -10.41 -14.12
N PRO A 185 -8.41 -9.34 -14.78
CA PRO A 185 -9.26 -8.16 -14.89
C PRO A 185 -10.46 -8.39 -15.80
N LYS A 186 -11.56 -7.79 -15.40
CA LYS A 186 -12.72 -7.54 -16.27
C LYS A 186 -12.45 -6.21 -16.96
N THR A 187 -12.57 -6.19 -18.27
CA THR A 187 -12.09 -5.05 -19.05
C THR A 187 -13.14 -4.51 -19.99
N HIS A 188 -13.13 -3.20 -20.18
CA HIS A 188 -14.01 -2.54 -21.15
C HIS A 188 -13.48 -1.16 -21.51
N VAL A 189 -13.95 -0.63 -22.65
CA VAL A 189 -13.60 0.69 -23.10
C VAL A 189 -14.85 1.56 -23.15
N THR A 190 -14.80 2.71 -22.50
CA THR A 190 -15.90 3.69 -22.55
C THR A 190 -15.50 4.87 -23.45
N HIS A 191 -16.50 5.59 -23.97
CA HIS A 191 -16.28 6.66 -24.94
C HIS A 191 -17.07 7.88 -24.43
N HIS A 192 -16.39 8.98 -24.17
CA HIS A 192 -17.08 10.21 -23.67
C HIS A 192 -16.68 11.39 -24.55
N PRO A 193 -17.63 11.93 -25.34
CA PRO A 193 -17.39 13.18 -26.05
C PRO A 193 -16.95 14.33 -25.11
N ILE A 194 -15.88 15.02 -25.47
CA ILE A 194 -15.43 16.21 -24.76
C ILE A 194 -16.11 17.41 -25.45
N SER A 195 -16.18 17.32 -26.77
CA SER A 195 -16.62 18.45 -27.60
C SER A 195 -16.81 17.90 -29.00
N ASP A 196 -17.24 18.77 -29.92
CA ASP A 196 -17.54 18.28 -31.25
C ASP A 196 -16.47 17.36 -31.84
N HIS A 197 -15.20 17.77 -31.72
CA HIS A 197 -14.07 17.06 -32.34
C HIS A 197 -13.07 16.25 -31.45
N GLU A 198 -13.32 16.12 -30.16
CA GLU A 198 -12.45 15.29 -29.30
C GLU A 198 -13.31 14.35 -28.49
N VAL A 199 -12.78 13.16 -28.22
CA VAL A 199 -13.48 12.22 -27.37
C VAL A 199 -12.43 11.57 -26.45
N THR A 200 -12.87 11.23 -25.24
CA THR A 200 -12.06 10.46 -24.31
C THR A 200 -12.39 8.98 -24.46
N LEU A 201 -11.36 8.16 -24.64
CA LEU A 201 -11.54 6.71 -24.58
C LEU A 201 -10.93 6.29 -23.24
N ARG A 202 -11.68 5.55 -22.44
CA ARG A 202 -11.12 5.10 -21.14
C ARG A 202 -11.13 3.59 -21.07
N CYS A 203 -9.94 3.03 -20.82
CA CYS A 203 -9.76 1.58 -20.80
C CYS A 203 -9.74 1.14 -19.33
N TRP A 204 -10.75 0.39 -18.92
CA TRP A 204 -10.98 -0.04 -17.54
C TRP A 204 -10.49 -1.47 -17.30
N ALA A 205 -9.84 -1.67 -16.15
CA ALA A 205 -9.59 -3.01 -15.63
C ALA A 205 -10.17 -3.07 -14.21
N LEU A 206 -11.01 -4.08 -13.93
CA LEU A 206 -11.70 -4.17 -12.64
C LEU A 206 -11.61 -5.60 -12.08
N GLY A 207 -11.67 -5.74 -10.77
CA GLY A 207 -11.81 -7.06 -10.13
C GLY A 207 -10.58 -7.96 -10.18
N PHE A 208 -9.39 -7.39 -10.37
CA PHE A 208 -8.18 -8.22 -10.50
C PHE A 208 -7.35 -8.33 -9.22
N TYR A 209 -6.64 -9.45 -9.15
CA TYR A 209 -5.75 -9.76 -8.03
C TYR A 209 -4.71 -10.69 -8.63
N PRO A 210 -3.42 -10.42 -8.39
CA PRO A 210 -2.84 -9.38 -7.56
C PRO A 210 -2.85 -8.02 -8.25
N ALA A 211 -2.28 -7.02 -7.57
CA ALA A 211 -2.38 -5.62 -8.01
C ALA A 211 -1.61 -5.32 -9.30
N GLU A 212 -0.50 -6.00 -9.50
CA GLU A 212 0.39 -5.75 -10.66
C GLU A 212 -0.40 -5.89 -11.97
N ILE A 213 -0.35 -4.86 -12.81
CA ILE A 213 -1.07 -4.91 -14.10
C ILE A 213 -0.39 -3.90 -15.03
N THR A 214 -0.51 -4.09 -16.34
CA THR A 214 -0.08 -3.09 -17.29
C THR A 214 -1.22 -2.78 -18.26
N LEU A 215 -1.55 -1.49 -18.35
CA LEU A 215 -2.60 -0.95 -19.25
C LEU A 215 -1.93 0.07 -20.11
N THR A 216 -1.98 -0.13 -21.43
CA THR A 216 -1.40 0.83 -22.37
C THR A 216 -2.32 1.04 -23.56
N TRP A 217 -2.28 2.29 -24.12
CA TRP A 217 -2.98 2.65 -25.34
C TRP A 217 -1.95 2.74 -26.46
N GLN A 218 -2.29 2.18 -27.63
CA GLN A 218 -1.55 2.39 -28.89
C GLN A 218 -2.43 3.18 -29.84
N ARG A 219 -1.79 4.04 -30.65
CA ARG A 219 -2.37 4.68 -31.84
C ARG A 219 -1.56 4.13 -33.01
N ASP A 220 -2.23 3.44 -33.93
CA ASP A 220 -1.62 2.85 -35.15
C ASP A 220 -0.46 1.95 -34.71
N GLY A 221 -0.69 1.20 -33.63
CA GLY A 221 0.29 0.24 -33.08
C GLY A 221 1.45 0.84 -32.31
N GLU A 222 1.37 2.14 -32.01
CA GLU A 222 2.42 2.88 -31.33
C GLU A 222 2.00 3.32 -29.93
N ASP A 223 2.72 2.83 -28.92
CA ASP A 223 2.47 3.21 -27.51
C ASP A 223 2.33 4.73 -27.35
N GLN A 224 1.31 5.13 -26.62
CA GLN A 224 0.99 6.54 -26.41
C GLN A 224 1.35 7.04 -25.02
N THR A 225 2.54 6.67 -24.54
CA THR A 225 2.92 6.93 -23.13
C THR A 225 2.65 8.36 -22.67
N GLN A 226 3.22 9.33 -23.38
CA GLN A 226 3.10 10.74 -23.02
C GLN A 226 1.66 11.27 -23.07
N ASP A 227 0.81 10.69 -23.90
CA ASP A 227 -0.56 11.21 -23.99
C ASP A 227 -1.61 10.42 -23.23
N THR A 228 -1.20 9.36 -22.53
CA THR A 228 -2.13 8.55 -21.72
C THR A 228 -2.22 9.06 -20.27
N GLU A 229 -3.43 9.29 -19.79
CA GLU A 229 -3.67 9.55 -18.38
C GLU A 229 -3.88 8.21 -17.69
N LEU A 230 -3.03 7.91 -16.73
CA LEU A 230 -3.04 6.62 -16.04
C LEU A 230 -3.29 6.87 -14.56
N VAL A 231 -4.37 6.33 -13.98
CA VAL A 231 -4.54 6.49 -12.54
C VAL A 231 -3.73 5.44 -11.78
N GLU A 232 -3.38 5.75 -10.53
CA GLU A 232 -2.76 4.74 -9.68
C GLU A 232 -3.74 3.59 -9.42
N THR A 233 -3.20 2.36 -9.44
CA THR A 233 -3.99 1.17 -9.10
C THR A 233 -4.55 1.35 -7.71
N ARG A 234 -5.86 1.10 -7.57
CA ARG A 234 -6.60 1.37 -6.31
C ARG A 234 -7.35 0.12 -5.82
N PRO A 235 -7.44 -0.07 -4.49
CA PRO A 235 -8.13 -1.22 -3.92
C PRO A 235 -9.64 -1.06 -3.97
N ALA A 236 -10.35 -2.14 -4.31
CA ALA A 236 -11.81 -2.05 -4.40
C ALA A 236 -12.48 -2.25 -3.02
N GLY A 237 -11.75 -2.93 -2.13
CA GLY A 237 -12.17 -3.23 -0.75
C GLY A 237 -12.66 -4.65 -0.54
N ASP A 238 -12.68 -5.42 -1.63
CA ASP A 238 -13.12 -6.85 -1.64
C ASP A 238 -11.93 -7.80 -1.96
N ARG A 239 -10.71 -7.29 -1.73
CA ARG A 239 -9.41 -7.89 -2.05
C ARG A 239 -8.86 -7.50 -3.40
N THR A 240 -9.74 -7.09 -4.31
CA THR A 240 -9.37 -6.84 -5.71
C THR A 240 -8.92 -5.41 -5.93
N PHE A 241 -8.42 -5.16 -7.15
CA PHE A 241 -7.90 -3.85 -7.52
C PHE A 241 -8.57 -3.36 -8.79
N GLN A 242 -8.47 -2.05 -8.98
CA GLN A 242 -9.01 -1.35 -10.16
C GLN A 242 -7.95 -0.44 -10.75
N LYS A 243 -8.04 -0.21 -12.05
CA LYS A 243 -7.13 0.72 -12.75
C LYS A 243 -7.81 1.15 -14.04
N TRP A 244 -7.55 2.36 -14.48
CA TRP A 244 -7.91 2.76 -15.85
C TRP A 244 -6.84 3.59 -16.55
N ALA A 245 -6.89 3.58 -17.89
CA ALA A 245 -5.96 4.38 -18.74
C ALA A 245 -6.81 5.16 -19.72
N ALA A 246 -6.54 6.44 -19.92
CA ALA A 246 -7.42 7.22 -20.82
C ALA A 246 -6.62 8.06 -21.80
N VAL A 247 -7.13 8.15 -23.03
CA VAL A 247 -6.57 9.01 -24.07
C VAL A 247 -7.68 9.87 -24.66
N VAL A 248 -7.29 11.09 -25.03
CA VAL A 248 -8.08 12.00 -25.82
C VAL A 248 -7.76 11.84 -27.31
N VAL A 249 -8.77 11.53 -28.09
CA VAL A 249 -8.56 11.22 -29.51
C VAL A 249 -9.48 12.07 -30.40
N PRO A 250 -9.04 12.34 -31.63
CA PRO A 250 -9.86 13.09 -32.58
C PRO A 250 -11.11 12.29 -32.96
N SER A 251 -12.27 12.96 -33.06
CA SER A 251 -13.47 12.22 -33.44
C SER A 251 -13.28 11.65 -34.84
N GLY A 252 -13.78 10.43 -35.04
CA GLY A 252 -13.57 9.70 -36.30
C GLY A 252 -12.25 8.94 -36.38
N GLU A 253 -11.41 8.99 -35.34
CA GLU A 253 -10.17 8.22 -35.32
C GLU A 253 -10.19 7.15 -34.22
N GLU A 254 -11.33 6.92 -33.60
CA GLU A 254 -11.39 5.99 -32.46
C GLU A 254 -10.80 4.61 -32.79
N GLN A 255 -11.02 4.14 -34.01
CA GLN A 255 -10.58 2.81 -34.34
C GLN A 255 -9.09 2.67 -34.55
N ARG A 256 -8.32 3.77 -34.55
CA ARG A 256 -6.87 3.70 -34.67
C ARG A 256 -6.24 3.40 -33.32
N TYR A 257 -7.09 3.35 -32.30
CA TYR A 257 -6.60 3.16 -30.92
C TYR A 257 -6.93 1.80 -30.34
N THR A 258 -5.96 1.17 -29.71
CA THR A 258 -6.19 -0.10 -29.05
C THR A 258 -5.60 -0.06 -27.63
N CYS A 259 -6.35 -0.62 -26.69
CA CYS A 259 -5.88 -0.73 -25.29
C CYS A 259 -5.27 -2.14 -25.11
N HIS A 260 -4.10 -2.22 -24.47
CA HIS A 260 -3.45 -3.53 -24.28
C HIS A 260 -3.34 -3.80 -22.78
N VAL A 261 -3.67 -5.02 -22.38
CA VAL A 261 -3.78 -5.36 -20.94
C VAL A 261 -2.94 -6.58 -20.69
N GLN A 262 -2.03 -6.46 -19.73
CA GLN A 262 -1.24 -7.61 -19.25
C GLN A 262 -1.50 -7.83 -17.76
N HIS A 263 -1.71 -9.08 -17.37
CA HIS A 263 -1.95 -9.44 -15.96
C HIS A 263 -1.68 -10.91 -15.81
N GLU A 264 -1.22 -11.35 -14.65
CA GLU A 264 -0.86 -12.74 -14.50
C GLU A 264 -2.04 -13.70 -14.55
N GLY A 265 -3.25 -13.20 -14.29
CA GLY A 265 -4.48 -13.96 -14.44
C GLY A 265 -4.93 -14.22 -15.88
N LEU A 266 -4.35 -13.52 -16.85
CA LEU A 266 -4.66 -13.70 -18.29
C LEU A 266 -3.70 -14.72 -18.94
N PRO A 267 -4.23 -15.68 -19.71
CA PRO A 267 -3.32 -16.60 -20.45
C PRO A 267 -2.43 -15.85 -21.46
N LYS A 268 -2.98 -14.81 -22.09
CA LYS A 268 -2.28 -13.99 -23.08
C LYS A 268 -2.66 -12.53 -22.81
N PRO A 269 -1.78 -11.59 -23.20
CA PRO A 269 -2.21 -10.18 -23.12
C PRO A 269 -3.47 -9.90 -23.96
N LEU A 270 -4.34 -9.02 -23.46
CA LEU A 270 -5.58 -8.67 -24.16
C LEU A 270 -5.40 -7.40 -24.98
N THR A 271 -6.06 -7.36 -26.14
CA THR A 271 -6.16 -6.15 -26.96
C THR A 271 -7.65 -5.78 -27.00
N LEU A 272 -8.00 -4.53 -26.67
CA LEU A 272 -9.42 -4.05 -26.68
C LEU A 272 -9.56 -2.79 -27.51
N ARG A 273 -10.74 -2.57 -28.08
CA ARG A 273 -11.04 -1.35 -28.82
C ARG A 273 -12.39 -0.84 -28.34
N TRP A 274 -12.65 0.44 -28.58
CA TRP A 274 -14.00 0.99 -28.38
C TRP A 274 -14.98 0.18 -29.25
N GLU A 275 -16.02 -0.38 -28.62
CA GLU A 275 -17.03 -1.18 -29.34
C GLU A 275 -18.35 -0.40 -29.48
N PRO A 276 -18.48 0.41 -30.55
CA PRO A 276 -19.63 1.30 -30.75
C PRO A 276 -20.95 0.56 -30.69
N ILE B 1 10.73 16.13 1.83
CA ILE B 1 10.31 16.57 3.20
C ILE B 1 8.84 16.24 3.47
N GLN B 2 7.93 16.83 2.69
CA GLN B 2 6.51 16.54 2.84
C GLN B 2 5.90 16.28 1.47
N ARG B 3 4.95 15.35 1.43
CA ARG B 3 4.34 14.95 0.17
C ARG B 3 2.83 15.01 0.27
N THR B 4 2.19 15.64 -0.73
CA THR B 4 0.76 15.87 -0.65
C THR B 4 -0.04 14.64 -1.16
N PRO B 5 -1.19 14.34 -0.53
CA PRO B 5 -1.96 13.17 -0.99
C PRO B 5 -2.56 13.24 -2.37
N LYS B 6 -2.42 12.13 -3.07
CA LYS B 6 -3.31 11.85 -4.20
C LYS B 6 -4.65 11.37 -3.66
N ILE B 7 -5.71 11.63 -4.42
CA ILE B 7 -7.08 11.36 -3.97
C ILE B 7 -7.90 10.76 -5.10
N GLN B 8 -8.42 9.57 -4.87
CA GLN B 8 -9.45 9.04 -5.78
C GLN B 8 -10.72 8.68 -5.02
N VAL B 9 -11.85 9.02 -5.64
CA VAL B 9 -13.17 8.72 -5.08
C VAL B 9 -13.94 7.88 -6.11
N TYR B 10 -14.45 6.73 -5.67
CA TYR B 10 -14.99 5.71 -6.60
C TYR B 10 -15.76 4.64 -5.85
N SER B 11 -16.46 3.79 -6.60
CA SER B 11 -17.24 2.74 -5.99
C SER B 11 -16.58 1.36 -6.14
N ARG B 12 -16.96 0.47 -5.24
CA ARG B 12 -16.44 -0.91 -5.26
C ARG B 12 -16.91 -1.65 -6.51
N HIS B 13 -18.20 -1.49 -6.82
CA HIS B 13 -18.84 -2.09 -8.00
C HIS B 13 -19.31 -0.97 -8.95
N PRO B 14 -19.56 -1.29 -10.26
CA PRO B 14 -20.13 -0.23 -11.12
C PRO B 14 -21.43 0.32 -10.51
N ALA B 15 -21.64 1.63 -10.56
CA ALA B 15 -22.80 2.25 -9.89
C ALA B 15 -24.07 1.92 -10.65
N GLU B 16 -25.10 1.56 -9.89
CA GLU B 16 -26.44 1.34 -10.41
C GLU B 16 -27.43 1.96 -9.42
N ASN B 17 -28.12 3.01 -9.87
CA ASN B 17 -29.13 3.70 -9.03
C ASN B 17 -30.04 2.70 -8.33
N GLY B 18 -30.21 2.89 -7.03
CA GLY B 18 -30.99 1.98 -6.21
C GLY B 18 -30.33 0.68 -5.78
N LYS B 19 -29.14 0.40 -6.31
CA LYS B 19 -28.41 -0.80 -5.89
C LYS B 19 -27.30 -0.45 -4.89
N SER B 20 -27.32 -1.13 -3.75
CA SER B 20 -26.35 -0.96 -2.66
C SER B 20 -24.93 -1.27 -3.13
N ASN B 21 -23.96 -0.56 -2.57
CA ASN B 21 -22.59 -0.50 -3.10
C ASN B 21 -21.67 -0.05 -1.96
N PHE B 22 -20.39 0.16 -2.26
CA PHE B 22 -19.48 0.81 -1.31
C PHE B 22 -18.85 2.03 -1.92
N LEU B 23 -18.84 3.12 -1.14
CA LEU B 23 -18.18 4.33 -1.60
C LEU B 23 -16.77 4.35 -0.98
N ASN B 24 -15.77 4.53 -1.83
CA ASN B 24 -14.35 4.53 -1.43
C ASN B 24 -13.68 5.86 -1.63
N CYS B 25 -12.82 6.24 -0.71
CA CYS B 25 -11.87 7.30 -0.95
C CYS B 25 -10.47 6.75 -0.64
N TYR B 26 -9.62 6.74 -1.65
CA TYR B 26 -8.28 6.21 -1.53
C TYR B 26 -7.31 7.40 -1.53
N VAL B 27 -6.63 7.55 -0.42
CA VAL B 27 -5.60 8.54 -0.28
C VAL B 27 -4.23 7.87 -0.28
N SER B 28 -3.30 8.44 -1.04
CA SER B 28 -2.03 7.74 -1.26
C SER B 28 -0.93 8.71 -1.56
N GLY B 29 0.33 8.26 -1.49
CA GLY B 29 1.44 9.15 -1.82
C GLY B 29 1.80 10.28 -0.88
N PHE B 30 1.22 10.30 0.32
CA PHE B 30 1.42 11.38 1.25
C PHE B 30 2.44 11.04 2.35
N HIS B 31 2.98 12.10 2.93
CA HIS B 31 3.95 12.01 4.04
C HIS B 31 4.01 13.43 4.68
N PRO B 32 3.93 13.53 6.01
CA PRO B 32 3.85 12.47 6.98
C PRO B 32 2.43 11.85 7.04
N SER B 33 2.22 10.94 7.98
CA SER B 33 1.09 10.03 8.00
C SER B 33 -0.23 10.61 8.47
N ASP B 34 -0.21 11.67 9.30
CA ASP B 34 -1.50 12.23 9.77
C ASP B 34 -2.31 12.78 8.61
N ILE B 35 -3.56 12.37 8.53
CA ILE B 35 -4.43 12.82 7.46
C ILE B 35 -5.86 12.81 8.01
N GLU B 36 -6.71 13.73 7.53
CA GLU B 36 -8.12 13.76 7.91
C GLU B 36 -8.93 13.51 6.65
N VAL B 37 -9.79 12.49 6.68
CA VAL B 37 -10.61 12.16 5.52
C VAL B 37 -12.06 11.98 5.93
N ASP B 38 -12.96 12.70 5.24
CA ASP B 38 -14.41 12.57 5.47
C ASP B 38 -15.06 12.18 4.15
N LEU B 39 -16.03 11.27 4.20
CA LEU B 39 -16.95 11.08 3.09
C LEU B 39 -18.19 11.93 3.29
N LEU B 40 -18.58 12.61 2.21
CA LEU B 40 -19.73 13.53 2.23
C LEU B 40 -20.95 13.04 1.42
N LYS B 41 -22.14 13.17 2.00
CA LYS B 41 -23.39 12.92 1.26
C LYS B 41 -24.13 14.25 1.20
N ASN B 42 -24.28 14.80 -0.01
CA ASN B 42 -24.87 16.13 -0.22
C ASN B 42 -24.29 17.16 0.74
N GLY B 43 -22.97 17.31 0.69
CA GLY B 43 -22.24 18.27 1.53
C GLY B 43 -22.06 17.94 3.00
N GLU B 44 -22.72 16.90 3.50
CA GLU B 44 -22.66 16.58 4.95
C GLU B 44 -21.83 15.31 5.25
N ARG B 45 -21.18 15.28 6.42
CA ARG B 45 -20.31 14.19 6.85
C ARG B 45 -21.07 12.89 7.11
N ILE B 46 -20.71 11.81 6.42
CA ILE B 46 -21.25 10.49 6.69
C ILE B 46 -20.64 9.90 7.98
N GLU B 47 -21.50 9.37 8.84
CA GLU B 47 -21.04 8.87 10.13
C GLU B 47 -20.48 7.47 10.03
N LYS B 48 -19.51 7.18 10.91
CA LYS B 48 -19.00 5.82 11.08
C LYS B 48 -18.32 5.19 9.85
N VAL B 49 -17.72 6.05 9.01
CA VAL B 49 -16.87 5.64 7.89
C VAL B 49 -15.70 4.81 8.47
N GLU B 50 -15.37 3.67 7.84
CA GLU B 50 -14.21 2.85 8.27
C GLU B 50 -12.97 3.13 7.44
N HIS B 51 -11.81 2.72 7.94
CA HIS B 51 -10.61 2.84 7.14
C HIS B 51 -9.67 1.67 7.40
N SER B 52 -8.81 1.46 6.42
CA SER B 52 -7.77 0.42 6.44
C SER B 52 -6.64 0.79 7.43
N ASP B 53 -5.83 -0.22 7.76
CA ASP B 53 -4.67 -0.05 8.61
C ASP B 53 -3.54 0.71 7.84
N LEU B 54 -2.85 1.61 8.53
CA LEU B 54 -1.82 2.43 7.88
C LEU B 54 -0.72 1.56 7.26
N SER B 55 -0.56 1.73 5.93
N SER B 55 -0.52 1.75 5.94
CA SER B 55 0.43 1.02 5.16
CA SER B 55 0.56 1.09 5.28
C SER B 55 1.19 2.05 4.31
C SER B 55 1.27 2.09 4.40
N PHE B 56 2.28 1.62 3.69
CA PHE B 56 3.06 2.48 2.81
C PHE B 56 3.67 1.74 1.62
N SER B 57 4.04 2.50 0.59
CA SER B 57 4.57 1.95 -0.67
C SER B 57 6.10 1.88 -0.60
N LYS B 58 6.73 1.31 -1.64
CA LYS B 58 8.21 1.16 -1.68
C LYS B 58 8.98 2.47 -1.57
N ASP B 59 8.32 3.58 -1.92
CA ASP B 59 8.89 4.94 -1.76
C ASP B 59 8.61 5.61 -0.40
N TRP B 60 8.14 4.79 0.53
CA TRP B 60 7.84 5.18 1.91
C TRP B 60 6.57 6.06 2.06
N SER B 61 5.96 6.44 0.95
CA SER B 61 4.74 7.27 1.06
C SER B 61 3.54 6.41 1.53
N PHE B 62 2.63 7.03 2.29
CA PHE B 62 1.54 6.28 2.96
C PHE B 62 0.33 6.17 2.07
N TYR B 63 -0.51 5.17 2.36
CA TYR B 63 -1.83 5.03 1.75
C TYR B 63 -2.87 4.48 2.70
N LEU B 64 -4.10 4.96 2.51
CA LEU B 64 -5.26 4.50 3.26
C LEU B 64 -6.47 4.48 2.36
N LEU B 65 -7.37 3.56 2.68
CA LEU B 65 -8.67 3.49 2.10
C LEU B 65 -9.74 3.78 3.13
N TYR B 66 -10.57 4.77 2.84
CA TYR B 66 -11.75 5.12 3.66
C TYR B 66 -12.96 4.62 2.90
N TYR B 67 -13.92 4.00 3.60
CA TYR B 67 -15.04 3.41 2.87
C TYR B 67 -16.31 3.35 3.69
N THR B 68 -17.44 3.39 3.02
CA THR B 68 -18.74 3.24 3.69
C THR B 68 -19.75 2.63 2.72
N GLU B 69 -20.77 1.94 3.23
CA GLU B 69 -21.81 1.41 2.34
C GLU B 69 -22.76 2.52 1.94
N PHE B 70 -23.27 2.43 0.73
CA PHE B 70 -24.11 3.51 0.18
C PHE B 70 -24.96 2.98 -0.96
N THR B 71 -26.08 3.64 -1.21
CA THR B 71 -26.95 3.28 -2.31
C THR B 71 -27.05 4.52 -3.19
N PRO B 72 -26.37 4.52 -4.34
CA PRO B 72 -26.41 5.73 -5.15
C PRO B 72 -27.76 5.96 -5.81
N THR B 73 -28.10 7.22 -5.99
CA THR B 73 -29.31 7.63 -6.68
C THR B 73 -28.93 8.69 -7.72
N GLU B 74 -29.86 9.09 -8.58
CA GLU B 74 -29.53 10.03 -9.66
C GLU B 74 -29.14 11.42 -9.16
N LYS B 75 -29.73 11.83 -8.05
CA LYS B 75 -29.60 13.21 -7.58
C LYS B 75 -28.81 13.40 -6.25
N ASP B 76 -28.57 12.32 -5.50
CA ASP B 76 -27.66 12.38 -4.34
C ASP B 76 -26.21 12.58 -4.80
N GLU B 77 -25.53 13.56 -4.19
CA GLU B 77 -24.16 13.89 -4.54
C GLU B 77 -23.19 13.44 -3.46
N TYR B 78 -22.07 12.84 -3.86
CA TYR B 78 -21.09 12.33 -2.89
C TYR B 78 -19.71 12.90 -3.18
N ALA B 79 -18.92 13.06 -2.12
CA ALA B 79 -17.58 13.58 -2.25
C ALA B 79 -16.70 13.05 -1.13
N CYS B 80 -15.41 13.25 -1.30
CA CYS B 80 -14.45 12.97 -0.25
C CYS B 80 -13.73 14.27 0.09
N ARG B 81 -13.58 14.58 1.37
CA ARG B 81 -12.86 15.80 1.75
C ARG B 81 -11.62 15.44 2.54
N VAL B 82 -10.49 16.01 2.14
CA VAL B 82 -9.19 15.61 2.70
C VAL B 82 -8.38 16.80 3.18
N ASN B 83 -7.84 16.68 4.38
CA ASN B 83 -6.90 17.67 4.87
C ASN B 83 -5.61 16.99 5.32
N HIS B 84 -4.50 17.70 5.11
CA HIS B 84 -3.12 17.22 5.35
C HIS B 84 -2.26 18.45 5.60
N VAL B 85 -1.17 18.28 6.34
CA VAL B 85 -0.28 19.41 6.63
C VAL B 85 0.15 20.17 5.36
N THR B 86 0.25 19.45 4.24
CA THR B 86 0.64 20.05 2.94
C THR B 86 -0.42 20.95 2.30
N LEU B 87 -1.64 20.89 2.81
CA LEU B 87 -2.76 21.61 2.19
C LEU B 87 -3.14 22.81 3.04
N SER B 88 -3.21 23.98 2.41
CA SER B 88 -3.64 25.20 3.11
C SER B 88 -5.12 25.16 3.50
N GLN B 89 -5.93 24.51 2.67
CA GLN B 89 -7.35 24.27 2.95
C GLN B 89 -7.75 22.83 2.53
N PRO B 90 -8.81 22.26 3.15
CA PRO B 90 -9.30 20.95 2.71
C PRO B 90 -9.60 20.91 1.21
N LYS B 91 -9.19 19.81 0.57
CA LYS B 91 -9.47 19.58 -0.84
C LYS B 91 -10.71 18.69 -0.94
N ILE B 92 -11.67 19.08 -1.76
CA ILE B 92 -12.89 18.27 -1.90
C ILE B 92 -12.90 17.66 -3.29
N VAL B 93 -13.06 16.35 -3.36
CA VAL B 93 -13.09 15.65 -4.64
C VAL B 93 -14.48 15.00 -4.78
N LYS B 94 -15.22 15.38 -5.83
CA LYS B 94 -16.58 14.90 -6.02
C LYS B 94 -16.57 13.51 -6.64
N TRP B 95 -17.51 12.67 -6.22
CA TRP B 95 -17.64 11.35 -6.85
C TRP B 95 -18.22 11.44 -8.27
N ASP B 96 -17.47 10.94 -9.23
CA ASP B 96 -17.89 10.88 -10.63
C ASP B 96 -17.95 9.40 -11.01
N ARG B 97 -19.15 8.89 -11.30
CA ARG B 97 -19.35 7.43 -11.46
C ARG B 97 -18.65 6.81 -12.69
N ASP B 98 -18.01 7.66 -13.48
CA ASP B 98 -17.22 7.29 -14.65
C ASP B 98 -15.71 7.50 -14.43
N MET B 99 -15.30 7.58 -13.16
CA MET B 99 -13.88 7.80 -12.85
C MET B 99 -13.39 6.87 -11.73
N GLU C 1 5.66 -15.03 9.95
CA GLU C 1 6.28 -14.84 11.29
C GLU C 1 7.34 -13.76 11.24
N GLU C 2 7.32 -12.86 12.21
CA GLU C 2 8.31 -11.80 12.34
C GLU C 2 9.68 -12.31 12.83
N PHE C 3 10.71 -11.52 12.54
CA PHE C 3 12.00 -11.62 13.23
C PHE C 3 11.94 -10.94 14.62
N GLY C 4 12.34 -11.66 15.67
CA GLY C 4 12.24 -11.16 17.04
C GLY C 4 13.38 -10.30 17.56
N ARG C 5 14.46 -10.18 16.79
CA ARG C 5 15.57 -9.31 17.17
C ARG C 5 15.54 -8.00 16.38
N ALA C 6 15.45 -6.87 17.10
CA ALA C 6 15.56 -5.56 16.48
C ALA C 6 16.66 -4.74 17.15
N ALA C 7 17.78 -4.61 16.43
CA ALA C 7 18.95 -3.83 16.80
C ALA C 7 18.59 -2.33 16.89
N SER C 8 19.19 -1.61 17.84
CA SER C 8 18.93 -0.18 18.07
C SER C 8 19.74 0.66 17.09
N PHE C 9 19.19 1.81 16.67
CA PHE C 9 19.93 2.76 15.81
C PHE C 9 21.17 3.31 16.49
#